data_4XCP
#
_entry.id   4XCP
#
_cell.length_a   121.123
_cell.length_b   121.123
_cell.length_c   121.123
_cell.angle_alpha   90.00
_cell.angle_beta   90.00
_cell.angle_gamma   90.00
#
_symmetry.space_group_name_H-M   'P 4 3 2'
#
loop_
_entity.id
_entity.type
_entity.pdbx_description
1 polymer 'Nematode fatty acid retinoid binding protein'
2 non-polymer 'PALMITIC ACID'
3 water water
#
_entity_poly.entity_id   1
_entity_poly.type   'polypeptide(L)'
_entity_poly.pdbx_seq_one_letter_code
;(MSE)GSSHHHHHHSSGH(MSE)FKYEDIPADYRDL(MSE)PPEARDFLQNLSDGDKTVLKEVFKAGPYKNTEESIAALK
KKSPELGAKVEKLHA(MSE)VKSKIAALGPEAKGFAEKSIEIARGIKARYYTGNEPTKDDLKASVKEVLKLYKA(MSE)S
DAGKADFGKQFPFLAKVFESGKAAKFAGEN
;
_entity_poly.pdbx_strand_id   A
#
# COMPACT_ATOMS: atom_id res chain seq x y z
N PHE A 16 7.17 -9.87 11.85
CA PHE A 16 6.09 -8.90 11.78
C PHE A 16 4.76 -9.61 12.14
N LYS A 17 3.90 -8.91 12.88
CA LYS A 17 2.59 -9.42 13.27
C LYS A 17 1.58 -8.38 12.84
N TYR A 18 0.40 -8.83 12.39
CA TYR A 18 -0.69 -7.94 11.94
C TYR A 18 -1.04 -6.90 13.00
N GLU A 19 -0.97 -7.28 14.29
CA GLU A 19 -1.22 -6.38 15.43
C GLU A 19 -0.19 -5.24 15.56
N ASP A 20 0.98 -5.37 14.91
CA ASP A 20 2.02 -4.32 14.93
C ASP A 20 1.52 -3.06 14.28
N ILE A 21 0.55 -3.20 13.34
CA ILE A 21 -0.06 -2.09 12.64
C ILE A 21 -1.25 -1.61 13.46
N PRO A 22 -1.31 -0.32 13.87
CA PRO A 22 -2.49 0.15 14.64
C PRO A 22 -3.78 -0.11 13.87
N ALA A 23 -4.83 -0.60 14.59
CA ALA A 23 -6.14 -0.93 14.02
C ALA A 23 -6.74 0.25 13.21
N ASP A 24 -6.56 1.50 13.68
CA ASP A 24 -7.08 2.68 13.00
C ASP A 24 -6.30 2.99 11.70
N TYR A 25 -5.07 2.48 11.55
CA TYR A 25 -4.33 2.63 10.29
C TYR A 25 -4.82 1.51 9.35
N ARG A 26 -5.03 0.28 9.87
CA ARG A 26 -5.56 -0.85 9.10
C ARG A 26 -6.96 -0.50 8.56
N ASP A 27 -7.77 0.27 9.32
CA ASP A 27 -9.10 0.74 8.88
C ASP A 27 -9.04 1.68 7.65
N LEU A 28 -7.87 2.31 7.39
CA LEU A 28 -7.66 3.22 6.26
C LEU A 28 -7.27 2.44 5.02
N PRO A 30 -7.63 -0.44 2.03
CA PRO A 30 -8.75 -1.12 1.35
C PRO A 30 -8.88 -2.57 1.85
N PRO A 31 -10.12 -3.12 1.89
CA PRO A 31 -10.32 -4.46 2.47
C PRO A 31 -9.48 -5.60 1.86
N GLU A 32 -9.25 -5.57 0.54
CA GLU A 32 -8.45 -6.59 -0.18
C GLU A 32 -7.01 -6.59 0.35
N ALA A 33 -6.44 -5.40 0.59
CA ALA A 33 -5.08 -5.24 1.13
C ALA A 33 -5.04 -5.72 2.58
N ARG A 34 -6.01 -5.30 3.40
CA ARG A 34 -6.15 -5.73 4.79
C ARG A 34 -6.26 -7.28 4.87
N ASP A 35 -7.16 -7.88 4.05
CA ASP A 35 -7.34 -9.32 4.07
C ASP A 35 -6.12 -10.08 3.57
N PHE A 36 -5.37 -9.50 2.61
CA PHE A 36 -4.12 -10.13 2.15
C PHE A 36 -3.15 -10.27 3.33
N LEU A 37 -2.94 -9.16 4.07
CA LEU A 37 -2.02 -9.13 5.22
C LEU A 37 -2.51 -9.99 6.38
N GLN A 38 -3.80 -9.89 6.72
CA GLN A 38 -4.41 -10.64 7.83
C GLN A 38 -4.23 -12.16 7.68
N ASN A 39 -4.31 -12.65 6.42
CA ASN A 39 -4.24 -14.06 6.03
C ASN A 39 -2.84 -14.64 6.12
N LEU A 40 -1.80 -13.83 6.11
CA LEU A 40 -0.43 -14.34 6.07
C LEU A 40 -0.09 -15.33 7.20
N SER A 41 0.42 -16.50 6.79
CA SER A 41 0.87 -17.53 7.72
C SER A 41 2.28 -17.14 8.18
N ASP A 42 2.83 -17.84 9.17
CA ASP A 42 4.19 -17.58 9.62
C ASP A 42 5.20 -17.80 8.44
N GLY A 43 5.01 -18.89 7.69
CA GLY A 43 5.81 -19.20 6.51
C GLY A 43 5.72 -18.13 5.43
N ASP A 44 4.49 -17.61 5.19
CA ASP A 44 4.28 -16.54 4.18
C ASP A 44 5.18 -15.33 4.48
N LYS A 45 5.18 -14.89 5.76
CA LYS A 45 5.96 -13.76 6.27
C LYS A 45 7.46 -14.00 6.14
N THR A 46 7.93 -15.25 6.39
CA THR A 46 9.35 -15.59 6.22
C THR A 46 9.75 -15.39 4.76
N VAL A 47 8.93 -15.92 3.83
CA VAL A 47 9.21 -15.87 2.41
C VAL A 47 9.18 -14.41 1.88
N LEU A 48 8.23 -13.58 2.36
CA LEU A 48 8.15 -12.17 1.98
C LEU A 48 9.40 -11.40 2.43
N LYS A 49 9.81 -11.63 3.68
CA LYS A 49 11.01 -11.03 4.27
C LYS A 49 12.27 -11.45 3.51
N GLU A 50 12.41 -12.76 3.20
CA GLU A 50 13.58 -13.28 2.45
C GLU A 50 13.65 -12.67 1.04
N VAL A 51 12.50 -12.58 0.34
CA VAL A 51 12.46 -11.96 -0.99
C VAL A 51 12.86 -10.46 -0.86
N PHE A 52 12.28 -9.74 0.11
CA PHE A 52 12.61 -8.34 0.30
C PHE A 52 14.12 -8.15 0.57
N LYS A 53 14.69 -8.99 1.45
CA LYS A 53 16.10 -8.95 1.83
C LYS A 53 17.06 -9.30 0.68
N ALA A 54 16.61 -10.09 -0.32
CA ALA A 54 17.40 -10.49 -1.48
C ALA A 54 17.32 -9.41 -2.58
N GLY A 55 16.56 -8.36 -2.30
CA GLY A 55 16.43 -7.19 -3.15
C GLY A 55 17.64 -6.27 -2.98
N PRO A 56 17.61 -5.04 -3.55
CA PRO A 56 16.53 -4.40 -4.32
C PRO A 56 16.39 -5.02 -5.71
N TYR A 57 15.27 -4.75 -6.36
CA TYR A 57 14.92 -5.27 -7.67
C TYR A 57 14.77 -4.15 -8.67
N LYS A 58 14.71 -4.48 -9.97
CA LYS A 58 14.54 -3.49 -11.04
C LYS A 58 13.18 -2.81 -10.91
N ASN A 59 12.14 -3.59 -10.59
CA ASN A 59 10.76 -3.11 -10.50
C ASN A 59 9.95 -4.12 -9.69
N THR A 60 8.66 -3.81 -9.46
CA THR A 60 7.72 -4.64 -8.71
C THR A 60 7.55 -6.02 -9.35
N GLU A 61 7.41 -6.06 -10.69
N GLU A 61 7.39 -6.07 -10.68
CA GLU A 61 7.24 -7.28 -11.47
CA GLU A 61 7.21 -7.36 -11.38
C GLU A 61 8.38 -8.30 -11.22
C GLU A 61 8.39 -8.33 -11.15
N GLU A 62 9.64 -7.81 -11.10
CA GLU A 62 10.84 -8.65 -10.84
C GLU A 62 10.82 -9.20 -9.40
N SER A 63 10.35 -8.37 -8.44
CA SER A 63 10.17 -8.74 -7.04
C SER A 63 9.11 -9.87 -6.93
N ILE A 64 8.00 -9.76 -7.68
CA ILE A 64 6.91 -10.76 -7.73
C ILE A 64 7.42 -12.08 -8.38
N ALA A 65 8.22 -11.96 -9.45
CA ALA A 65 8.81 -13.14 -10.12
C ALA A 65 9.72 -13.91 -9.15
N ALA A 66 10.54 -13.18 -8.33
CA ALA A 66 11.41 -13.81 -7.32
C ALA A 66 10.54 -14.48 -6.24
N LEU A 67 9.42 -13.84 -5.87
CA LEU A 67 8.49 -14.39 -4.90
C LEU A 67 7.84 -15.71 -5.43
N LYS A 68 7.39 -15.71 -6.70
CA LYS A 68 6.78 -16.86 -7.37
C LYS A 68 7.73 -18.04 -7.41
N LYS A 69 9.03 -17.78 -7.58
CA LYS A 69 10.08 -18.82 -7.60
C LYS A 69 10.12 -19.54 -6.24
N LYS A 70 10.06 -18.78 -5.13
CA LYS A 70 10.07 -19.36 -3.78
C LYS A 70 8.72 -19.98 -3.44
N SER A 71 7.63 -19.32 -3.84
CA SER A 71 6.26 -19.71 -3.51
C SER A 71 5.28 -19.40 -4.65
N PRO A 72 4.99 -20.37 -5.53
CA PRO A 72 3.98 -20.12 -6.57
C PRO A 72 2.64 -19.63 -6.00
N GLU A 73 2.20 -20.16 -4.85
CA GLU A 73 0.94 -19.76 -4.24
C GLU A 73 0.92 -18.33 -3.70
N LEU A 74 1.92 -17.95 -2.88
CA LEU A 74 1.99 -16.57 -2.36
C LEU A 74 2.28 -15.59 -3.50
N GLY A 75 3.14 -15.98 -4.44
CA GLY A 75 3.46 -15.20 -5.62
C GLY A 75 2.22 -14.85 -6.43
N ALA A 76 1.32 -15.85 -6.63
CA ALA A 76 0.03 -15.70 -7.36
C ALA A 76 -0.93 -14.76 -6.59
N LYS A 77 -0.93 -14.83 -5.25
CA LYS A 77 -1.77 -13.96 -4.42
C LYS A 77 -1.31 -12.49 -4.55
N VAL A 78 0.02 -12.26 -4.48
CA VAL A 78 0.60 -10.92 -4.61
C VAL A 78 0.35 -10.38 -6.02
N GLU A 79 0.54 -11.23 -7.04
CA GLU A 79 0.35 -10.88 -8.45
C GLU A 79 -1.09 -10.41 -8.73
N LYS A 80 -2.08 -11.09 -8.13
CA LYS A 80 -3.51 -10.77 -8.30
C LYS A 80 -3.81 -9.38 -7.76
N LEU A 81 -3.34 -9.06 -6.54
CA LEU A 81 -3.50 -7.72 -5.97
C LEU A 81 -2.84 -6.67 -6.86
N HIS A 82 -1.57 -6.93 -7.26
CA HIS A 82 -0.76 -6.02 -8.07
C HIS A 82 -1.40 -5.71 -9.42
N ALA A 83 -1.90 -6.73 -10.14
CA ALA A 83 -2.52 -6.56 -11.45
C ALA A 83 -3.79 -5.70 -11.37
N VAL A 85 -4.37 -3.30 -9.06
CA VAL A 85 -3.93 -1.94 -8.79
C VAL A 85 -3.34 -1.34 -10.07
N LYS A 86 -2.49 -2.10 -10.78
CA LYS A 86 -1.85 -1.71 -12.04
C LYS A 86 -2.88 -1.33 -13.10
N SER A 87 -3.98 -2.11 -13.23
CA SER A 87 -5.03 -1.82 -14.21
C SER A 87 -5.86 -0.60 -13.83
N LYS A 88 -6.05 -0.36 -12.52
CA LYS A 88 -6.78 0.81 -12.03
C LYS A 88 -5.98 2.09 -12.33
N ILE A 89 -4.64 2.06 -12.10
CA ILE A 89 -3.70 3.17 -12.38
C ILE A 89 -3.69 3.48 -13.89
N ALA A 90 -3.66 2.41 -14.74
CA ALA A 90 -3.66 2.53 -16.21
C ALA A 90 -4.89 3.30 -16.76
N ALA A 91 -6.05 3.22 -16.05
CA ALA A 91 -7.29 3.90 -16.43
C ALA A 91 -7.31 5.38 -15.99
N LEU A 92 -6.31 5.83 -15.21
CA LEU A 92 -6.29 7.23 -14.75
C LEU A 92 -5.65 8.19 -15.72
N GLY A 93 -6.08 9.45 -15.67
CA GLY A 93 -5.49 10.56 -16.41
C GLY A 93 -4.19 10.93 -15.73
N PRO A 94 -3.34 11.79 -16.35
CA PRO A 94 -2.01 12.08 -15.75
C PRO A 94 -1.97 12.57 -14.30
N GLU A 95 -2.90 13.44 -13.88
CA GLU A 95 -2.90 13.98 -12.52
C GLU A 95 -3.17 12.92 -11.45
N ALA A 96 -4.28 12.16 -11.57
CA ALA A 96 -4.63 11.12 -10.60
C ALA A 96 -3.61 9.97 -10.64
N LYS A 97 -3.02 9.68 -11.84
CA LYS A 97 -1.95 8.66 -11.99
C LYS A 97 -0.73 9.07 -11.14
N GLY A 98 -0.31 10.34 -11.27
CA GLY A 98 0.80 10.89 -10.51
C GLY A 98 0.59 10.79 -9.01
N PHE A 99 -0.64 11.09 -8.56
CA PHE A 99 -1.03 11.02 -7.14
C PHE A 99 -0.95 9.59 -6.63
N ALA A 100 -1.59 8.67 -7.35
CA ALA A 100 -1.64 7.25 -7.03
C ALA A 100 -0.24 6.66 -6.94
N GLU A 101 0.64 7.00 -7.91
CA GLU A 101 2.02 6.52 -7.95
C GLU A 101 2.87 7.09 -6.80
N LYS A 102 2.68 8.37 -6.45
CA LYS A 102 3.36 8.96 -5.32
C LYS A 102 2.86 8.33 -4.01
N SER A 103 1.52 8.07 -3.90
CA SER A 103 0.94 7.43 -2.70
C SER A 103 1.49 6.02 -2.48
N ILE A 104 1.69 5.29 -3.58
CA ILE A 104 2.25 3.94 -3.58
C ILE A 104 3.71 3.97 -3.12
N GLU A 105 4.49 4.95 -3.60
CA GLU A 105 5.89 5.13 -3.20
C GLU A 105 5.98 5.34 -1.65
N ILE A 106 5.05 6.16 -1.10
CA ILE A 106 4.99 6.46 0.34
C ILE A 106 4.62 5.19 1.13
N ALA A 107 3.60 4.46 0.65
CA ALA A 107 3.14 3.22 1.26
C ALA A 107 4.24 2.15 1.25
N ARG A 108 5.05 2.09 0.17
CA ARG A 108 6.14 1.14 0.03
C ARG A 108 7.31 1.40 1.01
N GLY A 109 7.57 2.67 1.30
CA GLY A 109 8.57 3.09 2.29
C GLY A 109 8.13 2.66 3.68
N ILE A 110 6.81 2.73 3.97
CA ILE A 110 6.23 2.29 5.26
C ILE A 110 6.39 0.77 5.36
N LYS A 111 6.02 0.07 4.29
CA LYS A 111 6.12 -1.39 4.16
C LYS A 111 7.58 -1.86 4.36
N ALA A 112 8.56 -1.17 3.72
CA ALA A 112 10.00 -1.47 3.84
C ALA A 112 10.44 -1.47 5.32
N ARG A 113 9.85 -0.59 6.14
CA ARG A 113 10.16 -0.47 7.55
C ARG A 113 9.68 -1.66 8.40
N TYR A 114 8.63 -2.39 7.94
CA TYR A 114 8.11 -3.59 8.64
C TYR A 114 8.99 -4.82 8.33
N TYR A 115 9.75 -4.77 7.22
CA TYR A 115 10.64 -5.86 6.78
C TYR A 115 11.98 -5.72 7.43
N THR A 116 12.53 -4.50 7.42
CA THR A 116 13.83 -4.18 8.02
C THR A 116 13.64 -3.94 9.54
N GLY A 117 14.68 -3.42 10.18
CA GLY A 117 14.65 -3.09 11.60
C GLY A 117 13.85 -1.84 11.88
N ASN A 118 13.23 -1.79 13.09
CA ASN A 118 12.44 -0.68 13.62
C ASN A 118 11.19 -0.36 12.75
N GLU A 119 10.06 -0.94 13.14
CA GLU A 119 8.74 -0.76 12.51
C GLU A 119 8.34 0.70 12.70
N PRO A 120 7.49 1.28 11.82
CA PRO A 120 7.08 2.68 12.04
C PRO A 120 6.32 2.88 13.34
N THR A 121 6.48 4.05 13.97
CA THR A 121 5.72 4.41 15.17
C THR A 121 4.35 4.89 14.67
N LYS A 122 3.38 5.09 15.59
CA LYS A 122 2.06 5.59 15.22
C LYS A 122 2.18 7.03 14.64
N ASP A 123 3.12 7.86 15.16
CA ASP A 123 3.40 9.22 14.68
C ASP A 123 3.99 9.21 13.26
N ASP A 124 4.79 8.18 12.91
CA ASP A 124 5.35 7.99 11.56
C ASP A 124 4.23 7.66 10.58
N LEU A 125 3.28 6.82 11.01
CA LEU A 125 2.15 6.46 10.17
C LEU A 125 1.24 7.65 9.97
N LYS A 126 0.99 8.44 11.03
CA LYS A 126 0.18 9.65 10.98
C LYS A 126 0.80 10.64 10.00
N ALA A 127 2.15 10.76 10.04
CA ALA A 127 2.91 11.65 9.15
C ALA A 127 2.77 11.19 7.69
N SER A 128 2.81 9.85 7.42
CA SER A 128 2.64 9.36 6.03
C SER A 128 1.22 9.63 5.49
N VAL A 129 0.19 9.44 6.32
CA VAL A 129 -1.21 9.67 5.92
C VAL A 129 -1.46 11.15 5.69
N LYS A 130 -0.89 12.00 6.57
CA LYS A 130 -1.00 13.45 6.48
C LYS A 130 -0.48 13.95 5.12
N GLU A 131 0.68 13.41 4.65
CA GLU A 131 1.23 13.75 3.35
C GLU A 131 0.35 13.26 2.18
N VAL A 132 -0.10 12.00 2.23
CA VAL A 132 -0.96 11.41 1.20
C VAL A 132 -2.27 12.24 1.10
N LEU A 133 -2.89 12.57 2.25
CA LEU A 133 -4.09 13.39 2.27
C LEU A 133 -3.82 14.77 1.66
N LYS A 134 -2.71 15.41 2.03
CA LYS A 134 -2.28 16.72 1.51
C LYS A 134 -2.15 16.67 -0.04
N LEU A 135 -1.51 15.62 -0.58
CA LEU A 135 -1.37 15.44 -2.01
C LEU A 135 -2.76 15.22 -2.68
N TYR A 136 -3.65 14.51 -1.98
CA TYR A 136 -5.01 14.28 -2.46
C TYR A 136 -5.72 15.63 -2.55
N LYS A 137 -5.65 16.44 -1.47
CA LYS A 137 -6.28 17.76 -1.42
C LYS A 137 -5.65 18.73 -2.43
N ALA A 138 -4.36 18.55 -2.77
CA ALA A 138 -3.66 19.39 -3.76
C ALA A 138 -4.13 19.16 -5.22
N SER A 140 -6.81 18.77 -8.47
CA SER A 140 -8.02 19.48 -8.90
C SER A 140 -9.21 18.57 -8.56
N ASP A 141 -10.43 19.10 -8.62
CA ASP A 141 -11.65 18.31 -8.42
C ASP A 141 -11.72 17.23 -9.49
N ALA A 142 -11.29 17.53 -10.74
CA ALA A 142 -11.28 16.53 -11.83
C ALA A 142 -10.33 15.38 -11.49
N GLY A 143 -9.18 15.70 -10.88
CA GLY A 143 -8.19 14.71 -10.43
C GLY A 143 -8.77 13.81 -9.37
N LYS A 144 -9.41 14.41 -8.35
CA LYS A 144 -10.06 13.67 -7.26
C LYS A 144 -11.18 12.76 -7.81
N ALA A 145 -11.99 13.27 -8.78
CA ALA A 145 -13.10 12.51 -9.38
C ALA A 145 -12.56 11.31 -10.19
N ASP A 146 -11.45 11.52 -10.91
CA ASP A 146 -10.81 10.49 -11.71
C ASP A 146 -10.24 9.39 -10.78
N PHE A 147 -9.55 9.80 -9.69
CA PHE A 147 -9.01 8.88 -8.69
C PHE A 147 -10.14 8.06 -8.03
N GLY A 148 -11.22 8.74 -7.62
CA GLY A 148 -12.37 8.15 -6.95
C GLY A 148 -13.11 7.09 -7.74
N LYS A 149 -13.12 7.21 -9.07
CA LYS A 149 -13.76 6.26 -9.98
C LYS A 149 -13.05 4.90 -9.94
N GLN A 150 -11.70 4.93 -9.82
CA GLN A 150 -10.89 3.72 -9.76
C GLN A 150 -10.69 3.23 -8.35
N PHE A 151 -10.66 4.16 -7.38
CA PHE A 151 -10.41 3.80 -5.98
C PHE A 151 -11.48 4.38 -5.06
N PRO A 152 -12.72 3.84 -5.09
CA PRO A 152 -13.80 4.44 -4.28
C PRO A 152 -13.63 4.28 -2.78
N PHE A 153 -12.96 3.21 -2.31
CA PHE A 153 -12.75 3.03 -0.88
C PHE A 153 -11.80 4.11 -0.36
N LEU A 154 -10.67 4.31 -1.05
CA LEU A 154 -9.67 5.29 -0.67
C LEU A 154 -10.20 6.73 -0.78
N ALA A 155 -10.96 7.02 -1.85
CA ALA A 155 -11.59 8.34 -2.04
C ALA A 155 -12.49 8.65 -0.84
N LYS A 156 -13.29 7.65 -0.38
CA LYS A 156 -14.17 7.77 0.78
C LYS A 156 -13.39 8.01 2.09
N VAL A 157 -12.26 7.32 2.28
CA VAL A 157 -11.36 7.51 3.43
C VAL A 157 -10.88 8.98 3.49
N PHE A 158 -10.56 9.55 2.32
CA PHE A 158 -10.13 10.95 2.21
C PHE A 158 -11.29 11.92 2.39
N GLU A 159 -12.37 11.74 1.63
CA GLU A 159 -13.57 12.61 1.64
C GLU A 159 -14.35 12.62 2.96
N SER A 160 -14.49 11.47 3.65
CA SER A 160 -15.23 11.35 4.91
C SER A 160 -14.58 12.05 6.09
N GLY A 161 -13.29 12.36 5.99
CA GLY A 161 -12.53 12.93 7.09
C GLY A 161 -11.83 11.86 7.92
N LYS A 162 -11.96 10.58 7.50
CA LYS A 162 -11.34 9.43 8.18
C LYS A 162 -9.81 9.53 8.19
N ALA A 163 -9.20 9.89 7.05
CA ALA A 163 -7.73 10.06 6.98
C ALA A 163 -7.26 11.23 7.86
N ALA A 164 -8.02 12.36 7.86
CA ALA A 164 -7.69 13.54 8.66
C ALA A 164 -7.77 13.24 10.15
N LYS A 165 -8.81 12.49 10.59
CA LYS A 165 -9.01 12.06 11.99
C LYS A 165 -7.77 11.26 12.45
N PHE A 166 -7.32 10.28 11.65
CA PHE A 166 -6.14 9.48 11.98
C PHE A 166 -4.87 10.33 12.05
N ALA A 167 -4.61 11.14 11.01
CA ALA A 167 -3.41 11.98 10.90
C ALA A 167 -3.31 13.01 12.04
N GLY A 168 -4.44 13.32 12.67
CA GLY A 168 -4.52 14.25 13.78
C GLY A 168 -4.79 15.66 13.31
N GLU A 169 -4.00 16.11 12.29
CA GLU A 169 -4.05 17.43 11.64
C GLU A 169 -3.64 18.54 12.61
#